data_3FZM
#
_entry.id   3FZM
#
_cell.length_a   40.750
_cell.length_b   121.382
_cell.length_c   53.951
_cell.angle_alpha   90.00
_cell.angle_beta   106.60
_cell.angle_gamma   90.00
#
_symmetry.space_group_name_H-M   'P 1 21 1'
#
loop_
_entity.id
_entity.type
_entity.pdbx_description
1 polymer 'Heat shock cognate 71 kDa protein'
2 polymer 'BAG family molecular chaperone regulator 1'
3 non-polymer '4-[[(2R,3S,4R,5R)-5-[6-amino-8-(quinolin-6-ylmethylamino)purin-9-yl]-3,4-dihydroxy-oxolan-2-yl]methoxymethyl]benzonitri le'
4 water water
#
loop_
_entity_poly.entity_id
_entity_poly.type
_entity_poly.pdbx_seq_one_letter_code
_entity_poly.pdbx_strand_id
1 'polypeptide(L)'
;YFQGPAVGIDLGTTYSCVGVFQHGKVEIIANDQGNRTTPSYVAFTDTERLIGDAAKNQVAMNPTNTVFDAKRLIGRRFDD
AVVQSDMKHWPFMVVNDAGRPKVQVEYKGETKSFYPEEVSSMVLTKMKEIAEAYLGKTVTNAVVTVPAYFNDSQRQATKD
AGTIAGLNVLRIINEPTAAAIAYGLDKKVGAERNVLIFDLGGGTFDVSILTIEDGIFEVKSTAGDTHLGGEDFDNRMVNH
FIAEFKRKHKKDISENKRAVRRLRTACERAKRTLSSSTQASIEIDSLYEGIDFYTSITRARFEELNADLFRGTLDPVEKA
LRDAKLDKSQIHDIVLVGGSTRIPKIQKLLQDFFNGKELNKSINPDEAVAYGAAVQAAILS
;
A
2 'polypeptide(L)'
;GNSPQEEVELKKLKHLEKSVEKIADQLEELNKELTGIQQGFLPKDLQAEALCKLDRRVKATIEQFMKILEEIDTLILPEN
FKDSRLKRKGLVKKVQAFLAECDTVEQNICQETE
;
B
#
loop_
_chem_comp.id
_chem_comp.type
_chem_comp.name
_chem_comp.formula
3GO non-polymer '4-[[(2R,3S,4R,5R)-5-[6-amino-8-(quinolin-6-ylmethylamino)purin-9-yl]-3,4-dihydroxy-oxolan-2-yl]methoxymethyl]benzonitri le' 'C28 H26 N8 O4'
#
# COMPACT_ATOMS: atom_id res chain seq x y z
N PRO A 5 -9.59 -21.45 -17.99
CA PRO A 5 -9.19 -20.07 -17.73
C PRO A 5 -7.96 -20.04 -16.84
N ALA A 6 -7.03 -19.17 -17.18
CA ALA A 6 -5.80 -19.04 -16.41
C ALA A 6 -5.59 -17.57 -16.03
N VAL A 7 -5.13 -17.34 -14.82
CA VAL A 7 -4.93 -15.97 -14.36
C VAL A 7 -3.46 -15.68 -14.15
N GLY A 8 -3.05 -14.42 -14.27
CA GLY A 8 -1.71 -13.99 -13.87
C GLY A 8 -1.79 -13.24 -12.55
N ILE A 9 -0.96 -13.65 -11.59
CA ILE A 9 -0.90 -13.04 -10.27
C ILE A 9 0.47 -12.37 -9.98
N ASP A 10 0.44 -11.07 -9.73
CA ASP A 10 1.55 -10.33 -9.14
C ASP A 10 1.37 -10.46 -7.62
N LEU A 11 2.31 -11.15 -6.99
CA LEU A 11 2.30 -11.31 -5.54
C LEU A 11 3.28 -10.29 -5.00
N GLY A 12 2.84 -9.07 -4.77
CA GLY A 12 3.72 -8.00 -4.34
C GLY A 12 3.91 -7.92 -2.84
N THR A 13 4.95 -7.24 -2.39
CA THR A 13 5.22 -7.14 -0.96
C THR A 13 4.08 -6.43 -0.19
N THR A 14 3.51 -5.41 -0.83
CA THR A 14 2.49 -4.55 -0.23
C THR A 14 1.13 -4.75 -0.91
N TYR A 15 1.14 -4.93 -2.23
CA TYR A 15 -0.10 -5.15 -3.01
C TYR A 15 0.02 -6.30 -4.00
N SER A 16 -1.08 -7.01 -4.20
CA SER A 16 -1.18 -8.04 -5.21
C SER A 16 -2.21 -7.67 -6.28
N CYS A 17 -2.03 -8.26 -7.46
CA CYS A 17 -2.86 -7.89 -8.60
C CYS A 17 -3.11 -9.11 -9.45
N VAL A 18 -4.36 -9.31 -9.86
CA VAL A 18 -4.74 -10.44 -10.71
C VAL A 18 -5.37 -10.01 -12.04
N GLY A 19 -4.88 -10.62 -13.10
CA GLY A 19 -5.39 -10.40 -14.46
C GLY A 19 -5.80 -11.67 -15.17
N VAL A 20 -6.74 -11.55 -16.08
CA VAL A 20 -7.13 -12.65 -16.98
C VAL A 20 -7.14 -12.16 -18.44
N PHE A 21 -6.46 -12.90 -19.31
CA PHE A 21 -6.52 -12.70 -20.75
C PHE A 21 -7.78 -13.40 -21.34
N GLN A 22 -8.78 -12.62 -21.70
CA GLN A 22 -10.05 -13.15 -22.17
C GLN A 22 -10.61 -12.19 -23.21
N HIS A 23 -11.29 -12.76 -24.22
CA HIS A 23 -11.76 -12.00 -25.40
C HIS A 23 -10.64 -11.21 -26.13
N GLY A 24 -9.44 -11.79 -26.17
CA GLY A 24 -8.27 -11.14 -26.80
C GLY A 24 -7.65 -9.96 -26.05
N LYS A 25 -8.01 -9.82 -24.77
CA LYS A 25 -7.67 -8.64 -23.97
C LYS A 25 -7.32 -9.06 -22.56
N VAL A 26 -6.40 -8.32 -21.93
CA VAL A 26 -6.14 -8.51 -20.52
C VAL A 26 -7.14 -7.70 -19.71
N GLU A 27 -7.87 -8.38 -18.84
CA GLU A 27 -8.72 -7.75 -17.86
C GLU A 27 -8.04 -7.84 -16.49
N ILE A 28 -7.61 -6.70 -15.97
CA ILE A 28 -7.13 -6.61 -14.57
C ILE A 28 -8.33 -6.62 -13.63
N ILE A 29 -8.40 -7.62 -12.75
CA ILE A 29 -9.60 -7.90 -11.98
C ILE A 29 -9.68 -7.15 -10.63
N ALA A 30 -10.79 -6.42 -10.45
CA ALA A 30 -11.11 -5.75 -9.20
C ALA A 30 -11.59 -6.72 -8.12
N ASN A 31 -11.20 -6.47 -6.87
CA ASN A 31 -11.68 -7.26 -5.73
C ASN A 31 -13.10 -6.88 -5.29
N ASP A 32 -13.56 -7.47 -4.19
CA ASP A 32 -14.92 -7.20 -3.72
C ASP A 32 -15.16 -5.73 -3.39
N GLN A 33 -14.07 -5.00 -3.08
CA GLN A 33 -14.10 -3.57 -2.76
C GLN A 33 -13.98 -2.64 -3.99
N GLY A 34 -13.86 -3.26 -5.17
CA GLY A 34 -13.73 -2.55 -6.44
C GLY A 34 -12.31 -2.10 -6.75
N ASN A 35 -11.33 -2.65 -6.05
CA ASN A 35 -9.93 -2.20 -6.21
C ASN A 35 -9.17 -3.17 -7.10
N ARG A 36 -8.44 -2.64 -8.09
CA ARG A 36 -7.68 -3.48 -9.03
C ARG A 36 -6.32 -3.96 -8.45
N THR A 37 -5.97 -3.45 -7.27
CA THR A 37 -4.96 -4.10 -6.43
C THR A 37 -5.50 -4.37 -5.04
N THR A 38 -4.93 -5.39 -4.40
CA THR A 38 -5.35 -5.89 -3.10
C THR A 38 -4.13 -5.89 -2.18
N PRO A 39 -4.25 -5.29 -0.97
CA PRO A 39 -3.16 -5.29 0.03
C PRO A 39 -2.74 -6.70 0.43
N SER A 40 -1.43 -6.93 0.48
CA SER A 40 -0.88 -8.23 0.85
C SER A 40 -0.90 -8.37 2.36
N TYR A 41 -2.10 -8.30 2.92
CA TYR A 41 -2.27 -8.16 4.36
C TYR A 41 -3.16 -9.27 4.86
N VAL A 42 -2.81 -9.76 6.04
CA VAL A 42 -3.59 -10.78 6.71
C VAL A 42 -3.67 -10.28 8.14
N ALA A 43 -4.88 -10.28 8.71
CA ALA A 43 -5.05 -9.82 10.08
C ALA A 43 -5.73 -10.84 10.97
N PHE A 44 -5.21 -10.97 12.17
CA PHE A 44 -5.76 -11.92 13.13
C PHE A 44 -6.39 -11.13 14.25
N THR A 45 -7.64 -11.47 14.57
CA THR A 45 -8.45 -10.71 15.53
C THR A 45 -8.92 -11.55 16.72
N ASP A 46 -9.99 -11.07 17.36
CA ASP A 46 -10.69 -11.82 18.39
C ASP A 46 -11.49 -12.96 17.75
N THR A 47 -12.08 -12.71 16.58
CA THR A 47 -13.07 -13.64 16.00
C THR A 47 -12.83 -14.08 14.56
N GLU A 48 -12.03 -13.32 13.82
CA GLU A 48 -11.85 -13.64 12.40
C GLU A 48 -10.44 -13.43 11.86
N ARG A 49 -10.16 -14.15 10.77
CA ARG A 49 -8.99 -13.89 9.93
C ARG A 49 -9.42 -13.01 8.75
N LEU A 50 -8.84 -11.82 8.64
CA LEU A 50 -9.09 -10.91 7.52
C LEU A 50 -7.92 -10.89 6.53
N ILE A 51 -8.25 -10.83 5.23
CA ILE A 51 -7.26 -10.78 4.16
C ILE A 51 -7.58 -9.61 3.21
N GLY A 52 -6.55 -8.87 2.83
CA GLY A 52 -6.70 -7.81 1.85
C GLY A 52 -7.08 -6.46 2.44
N ASP A 53 -8.10 -5.85 1.86
CA ASP A 53 -8.54 -4.51 2.26
C ASP A 53 -9.11 -4.47 3.66
N ALA A 54 -9.80 -5.55 4.04
CA ALA A 54 -10.37 -5.66 5.38
C ALA A 54 -9.27 -5.70 6.43
N ALA A 55 -8.15 -6.35 6.10
CA ALA A 55 -7.00 -6.46 6.98
C ALA A 55 -6.18 -5.16 7.07
N LYS A 56 -6.01 -4.45 5.96
CA LYS A 56 -5.24 -3.23 5.99
C LYS A 56 -6.05 -2.08 6.61
N ASN A 57 -7.38 -2.13 6.50
CA ASN A 57 -8.26 -1.11 7.05
C ASN A 57 -8.25 -1.08 8.58
N GLN A 58 -8.02 -2.24 9.21
CA GLN A 58 -7.89 -2.33 10.68
C GLN A 58 -6.46 -2.41 11.24
N VAL A 59 -5.49 -1.97 10.44
CA VAL A 59 -4.09 -1.98 10.87
C VAL A 59 -3.82 -1.08 12.09
N ALA A 60 -4.48 0.08 12.16
CA ALA A 60 -4.30 0.99 13.28
C ALA A 60 -4.86 0.43 14.60
N MET A 61 -5.87 -0.43 14.49
CA MET A 61 -6.56 -1.02 15.64
C MET A 61 -5.98 -2.36 16.04
N ASN A 62 -4.99 -2.84 15.27
CA ASN A 62 -4.39 -4.15 15.51
C ASN A 62 -3.00 -4.30 14.88
N PRO A 63 -2.05 -3.41 15.26
CA PRO A 63 -0.76 -3.40 14.55
C PRO A 63 0.05 -4.70 14.70
N THR A 64 0.17 -5.20 15.93
CA THR A 64 1.00 -6.37 16.23
C THR A 64 0.44 -7.67 15.64
N ASN A 65 -0.87 -7.67 15.38
CA ASN A 65 -1.50 -8.86 14.77
C ASN A 65 -1.87 -8.73 13.28
N THR A 66 -1.44 -7.66 12.64
CA THR A 66 -1.63 -7.53 11.21
C THR A 66 -0.30 -7.75 10.50
N VAL A 67 -0.28 -8.81 9.69
CA VAL A 67 0.91 -9.27 8.99
C VAL A 67 0.93 -8.77 7.55
N PHE A 68 2.04 -8.15 7.17
CA PHE A 68 2.31 -7.73 5.80
C PHE A 68 3.80 -7.96 5.57
N ASP A 69 4.24 -7.82 4.33
CA ASP A 69 5.67 -7.90 4.01
C ASP A 69 6.23 -9.33 4.10
N ALA A 70 5.35 -10.33 3.96
CA ALA A 70 5.78 -11.75 4.11
C ALA A 70 6.70 -12.21 3.00
N LYS A 71 6.63 -11.51 1.87
CA LYS A 71 7.44 -11.72 0.68
C LYS A 71 8.91 -11.43 0.96
N ARG A 72 9.16 -10.63 1.99
CA ARG A 72 10.50 -10.33 2.46
C ARG A 72 11.10 -11.47 3.26
N LEU A 73 10.24 -12.34 3.81
CA LEU A 73 10.63 -13.44 4.69
C LEU A 73 10.64 -14.78 3.96
N ILE A 74 9.77 -14.88 2.95
CA ILE A 74 9.54 -16.11 2.18
C ILE A 74 10.82 -16.73 1.56
N GLY A 75 11.03 -18.01 1.82
CA GLY A 75 12.21 -18.70 1.33
C GLY A 75 13.53 -18.42 2.05
N ARG A 76 13.49 -17.59 3.09
CA ARG A 76 14.70 -17.20 3.81
C ARG A 76 14.83 -17.90 5.15
N ARG A 77 16.08 -18.06 5.58
CA ARG A 77 16.44 -18.47 6.92
C ARG A 77 16.27 -17.28 7.87
N PHE A 78 16.04 -17.56 9.16
CA PHE A 78 15.87 -16.50 10.14
C PHE A 78 17.09 -15.58 10.27
N ASP A 79 18.29 -16.15 10.16
CA ASP A 79 19.54 -15.38 10.31
C ASP A 79 19.99 -14.67 9.03
N ASP A 80 19.18 -14.78 7.98
CA ASP A 80 19.32 -13.93 6.81
C ASP A 80 19.49 -12.48 7.30
N ALA A 81 20.54 -11.83 6.79
CA ALA A 81 20.78 -10.41 7.03
C ALA A 81 19.55 -9.56 6.72
N VAL A 82 18.90 -9.84 5.58
CA VAL A 82 17.66 -9.15 5.19
C VAL A 82 16.59 -9.32 6.28
N VAL A 83 16.37 -10.56 6.74
CA VAL A 83 15.30 -10.86 7.72
C VAL A 83 15.43 -10.04 9.01
N GLN A 84 16.66 -9.87 9.48
CA GLN A 84 16.94 -9.20 10.75
C GLN A 84 16.73 -7.70 10.69
N SER A 85 16.99 -7.11 9.51
CA SER A 85 16.98 -5.66 9.31
C SER A 85 15.59 -5.13 8.96
N ASP A 86 14.84 -5.93 8.23
CA ASP A 86 13.46 -5.60 7.84
C ASP A 86 12.58 -5.64 9.07
N MET A 87 12.82 -6.64 9.91
CA MET A 87 12.15 -6.86 11.19
C MET A 87 12.09 -5.62 12.08
N LYS A 88 13.02 -4.68 11.85
CA LYS A 88 13.02 -3.40 12.55
C LYS A 88 11.97 -2.40 12.01
N HIS A 89 11.34 -2.74 10.88
CA HIS A 89 10.28 -1.93 10.27
C HIS A 89 8.87 -2.44 10.63
N TRP A 90 8.80 -3.63 11.24
CA TRP A 90 7.53 -4.30 11.42
C TRP A 90 7.06 -4.24 12.86
N PRO A 91 5.78 -3.85 13.07
CA PRO A 91 5.21 -3.83 14.41
C PRO A 91 4.69 -5.20 14.87
N PHE A 92 4.68 -6.18 13.97
CA PHE A 92 4.35 -7.54 14.34
C PHE A 92 5.64 -8.29 14.72
N MET A 93 5.50 -9.47 15.31
CA MET A 93 6.65 -10.19 15.80
C MET A 93 7.06 -11.28 14.84
N VAL A 94 8.37 -11.40 14.64
CA VAL A 94 8.94 -12.48 13.84
C VAL A 94 9.81 -13.33 14.76
N VAL A 95 9.73 -14.65 14.54
CA VAL A 95 10.32 -15.65 15.41
C VAL A 95 11.17 -16.66 14.63
N ASN A 96 12.17 -17.23 15.30
CA ASN A 96 12.97 -18.35 14.78
C ASN A 96 12.35 -19.70 15.20
N ASP A 97 12.41 -20.68 14.29
CA ASP A 97 11.87 -22.01 14.51
C ASP A 97 12.58 -23.00 13.60
N ALA A 98 13.63 -23.62 14.15
CA ALA A 98 14.49 -24.62 13.48
C ALA A 98 15.36 -24.02 12.37
N GLY A 99 15.63 -22.72 12.47
CA GLY A 99 16.39 -21.99 11.47
C GLY A 99 15.56 -21.17 10.49
N ARG A 100 14.25 -21.38 10.47
CA ARG A 100 13.39 -20.63 9.56
C ARG A 100 12.43 -19.68 10.29
N PRO A 101 12.19 -18.48 9.71
CA PRO A 101 11.35 -17.43 10.27
C PRO A 101 9.87 -17.76 10.32
N LYS A 102 9.22 -17.28 11.38
CA LYS A 102 7.78 -17.40 11.57
C LYS A 102 7.24 -16.10 12.15
N VAL A 103 6.10 -15.65 11.63
CA VAL A 103 5.41 -14.50 12.23
C VAL A 103 4.54 -15.01 13.37
N GLN A 104 4.42 -14.19 14.42
CA GLN A 104 3.73 -14.60 15.64
C GLN A 104 2.60 -13.62 16.07
N VAL A 105 1.40 -14.18 16.20
CA VAL A 105 0.18 -13.42 16.48
C VAL A 105 -0.76 -14.19 17.42
N GLU A 106 -1.56 -13.45 18.19
CA GLU A 106 -2.74 -14.03 18.88
C GLU A 106 -3.90 -14.10 17.88
N TYR A 107 -4.17 -15.31 17.40
CA TYR A 107 -5.43 -15.58 16.74
C TYR A 107 -6.35 -15.92 17.90
N LYS A 108 -7.07 -14.90 18.35
CA LYS A 108 -7.86 -14.89 19.62
C LYS A 108 -7.25 -15.56 20.87
N GLY A 109 -7.99 -16.52 21.44
CA GLY A 109 -7.61 -17.25 22.67
C GLY A 109 -6.29 -18.02 22.65
N GLU A 110 -5.84 -18.38 21.44
CA GLU A 110 -4.53 -19.02 21.26
C GLU A 110 -3.41 -17.99 21.05
N THR A 111 -2.26 -18.45 20.52
CA THR A 111 -1.14 -17.57 20.14
C THR A 111 -0.34 -18.25 19.04
N LYS A 112 -0.65 -17.90 17.80
CA LYS A 112 -0.19 -18.69 16.65
C LYS A 112 0.90 -18.06 15.76
N SER A 113 1.63 -18.95 15.10
CA SER A 113 2.79 -18.60 14.28
C SER A 113 2.61 -19.20 12.89
N PHE A 114 3.00 -18.43 11.88
CA PHE A 114 2.90 -18.89 10.48
C PHE A 114 4.19 -18.71 9.72
N TYR A 115 4.51 -19.71 8.91
CA TYR A 115 5.58 -19.59 7.93
C TYR A 115 5.17 -18.57 6.88
N PRO A 116 6.13 -17.76 6.38
CA PRO A 116 5.82 -16.75 5.38
C PRO A 116 5.01 -17.25 4.20
N GLU A 117 5.26 -18.49 3.78
CA GLU A 117 4.52 -19.05 2.65
C GLU A 117 3.05 -19.37 2.97
N GLU A 118 2.74 -19.59 4.24
CA GLU A 118 1.36 -19.80 4.67
C GLU A 118 0.52 -18.50 4.62
N VAL A 119 1.13 -17.41 5.07
CA VAL A 119 0.65 -16.04 4.84
C VAL A 119 0.58 -15.69 3.34
N SER A 120 1.55 -16.11 2.53
CA SER A 120 1.49 -15.80 1.09
C SER A 120 0.40 -16.61 0.40
N SER A 121 0.14 -17.82 0.89
CA SER A 121 -0.94 -18.63 0.35
C SER A 121 -2.34 -18.12 0.71
N MET A 122 -2.49 -17.47 1.86
CA MET A 122 -3.73 -16.77 2.23
C MET A 122 -4.03 -15.65 1.24
N VAL A 123 -3.01 -14.84 0.96
CA VAL A 123 -3.07 -13.78 -0.03
C VAL A 123 -3.39 -14.35 -1.43
N LEU A 124 -2.80 -15.48 -1.80
CA LEU A 124 -3.09 -16.10 -3.11
C LEU A 124 -4.50 -16.66 -3.24
N THR A 125 -4.99 -17.28 -2.17
CA THR A 125 -6.39 -17.70 -2.06
C THR A 125 -7.36 -16.53 -2.31
N LYS A 126 -7.09 -15.39 -1.69
CA LYS A 126 -7.89 -14.18 -1.89
C LYS A 126 -7.86 -13.76 -3.35
N MET A 127 -6.67 -13.80 -3.98
CA MET A 127 -6.52 -13.46 -5.40
C MET A 127 -7.27 -14.49 -6.26
N LYS A 128 -7.10 -15.76 -5.94
CA LYS A 128 -7.85 -16.85 -6.58
C LYS A 128 -9.35 -16.57 -6.54
N GLU A 129 -9.85 -16.16 -5.37
CA GLU A 129 -11.28 -15.88 -5.14
C GLU A 129 -11.81 -14.64 -5.83
N ILE A 130 -10.98 -13.60 -5.87
CA ILE A 130 -11.24 -12.38 -6.64
C ILE A 130 -11.51 -12.72 -8.11
N ALA A 131 -10.62 -13.52 -8.70
CA ALA A 131 -10.78 -14.04 -10.06
C ALA A 131 -12.05 -14.89 -10.25
N GLU A 132 -12.35 -15.78 -9.30
CA GLU A 132 -13.53 -16.63 -9.40
C GLU A 132 -14.83 -15.84 -9.29
N ALA A 133 -14.81 -14.77 -8.49
CA ALA A 133 -16.00 -13.95 -8.24
C ALA A 133 -16.34 -13.08 -9.44
N TYR A 134 -15.31 -12.71 -10.21
CA TYR A 134 -15.49 -11.93 -11.44
C TYR A 134 -15.86 -12.79 -12.65
N LEU A 135 -15.20 -13.93 -12.78
CA LEU A 135 -15.39 -14.86 -13.90
C LEU A 135 -16.67 -15.67 -13.76
N GLY A 136 -17.05 -15.94 -12.51
CA GLY A 136 -18.21 -16.75 -12.22
C GLY A 136 -17.91 -18.20 -12.50
N LYS A 137 -16.63 -18.57 -12.41
CA LYS A 137 -16.22 -19.98 -12.47
C LYS A 137 -14.98 -20.29 -11.62
N THR A 138 -14.64 -21.57 -11.51
CA THR A 138 -13.47 -22.05 -10.77
C THR A 138 -12.20 -21.59 -11.48
N VAL A 139 -11.22 -21.14 -10.69
CA VAL A 139 -9.90 -20.78 -11.18
C VAL A 139 -8.87 -21.63 -10.47
N THR A 140 -8.09 -22.37 -11.24
CA THR A 140 -7.00 -23.17 -10.65
C THR A 140 -5.63 -22.97 -11.33
N ASN A 141 -5.62 -22.64 -12.62
CA ASN A 141 -4.37 -22.42 -13.35
C ASN A 141 -3.92 -21.00 -13.21
N ALA A 142 -2.62 -20.83 -12.93
CA ALA A 142 -2.06 -19.50 -12.66
C ALA A 142 -0.56 -19.42 -12.98
N VAL A 143 -0.15 -18.28 -13.54
CA VAL A 143 1.24 -17.90 -13.46
C VAL A 143 1.37 -17.00 -12.23
N VAL A 144 2.45 -17.19 -11.47
CA VAL A 144 2.76 -16.33 -10.33
C VAL A 144 4.19 -15.77 -10.47
N THR A 145 4.31 -14.45 -10.44
CA THR A 145 5.61 -13.81 -10.59
C THR A 145 6.38 -13.63 -9.28
N VAL A 146 7.69 -13.49 -9.43
CA VAL A 146 8.65 -13.36 -8.32
C VAL A 146 9.70 -12.38 -8.77
N PRO A 147 10.41 -11.75 -7.82
CA PRO A 147 11.54 -10.91 -8.23
C PRO A 147 12.70 -11.71 -8.84
N ALA A 148 13.34 -11.11 -9.84
CA ALA A 148 14.50 -11.69 -10.54
C ALA A 148 15.61 -12.15 -9.62
N TYR A 149 15.72 -11.51 -8.46
CA TYR A 149 16.76 -11.88 -7.50
C TYR A 149 16.38 -13.03 -6.56
N PHE A 150 15.13 -13.51 -6.62
CA PHE A 150 14.69 -14.65 -5.78
C PHE A 150 15.55 -15.92 -6.00
N ASN A 151 15.94 -16.57 -4.91
CA ASN A 151 16.75 -17.80 -5.04
C ASN A 151 15.84 -19.01 -5.22
N ASP A 152 16.42 -20.21 -5.18
CA ASP A 152 15.69 -21.48 -5.32
C ASP A 152 14.71 -21.69 -4.17
N SER A 153 15.16 -21.44 -2.94
CA SER A 153 14.28 -21.56 -1.75
C SER A 153 13.11 -20.56 -1.79
N GLN A 154 13.34 -19.41 -2.45
CA GLN A 154 12.38 -18.33 -2.56
C GLN A 154 11.37 -18.53 -3.69
N ARG A 155 11.82 -19.02 -4.84
CA ARG A 155 10.89 -19.38 -5.92
C ARG A 155 10.04 -20.59 -5.59
N GLN A 156 10.61 -21.53 -4.82
CA GLN A 156 9.93 -22.76 -4.45
C GLN A 156 8.90 -22.57 -3.34
N ALA A 157 9.26 -21.81 -2.31
CA ALA A 157 8.31 -21.50 -1.22
C ALA A 157 7.15 -20.64 -1.72
N THR A 158 7.41 -19.82 -2.74
CA THR A 158 6.37 -19.11 -3.48
C THR A 158 5.46 -20.03 -4.27
N LYS A 159 6.06 -21.04 -4.92
CA LYS A 159 5.28 -22.01 -5.70
C LYS A 159 4.42 -22.87 -4.78
N ASP A 160 4.93 -23.17 -3.59
CA ASP A 160 4.21 -23.97 -2.60
C ASP A 160 3.05 -23.22 -1.94
N ALA A 161 3.25 -21.93 -1.65
CA ALA A 161 2.16 -21.04 -1.27
C ALA A 161 1.02 -21.13 -2.29
N GLY A 162 1.34 -21.14 -3.58
CA GLY A 162 0.32 -21.28 -4.63
C GLY A 162 -0.42 -22.60 -4.53
N THR A 163 0.34 -23.68 -4.66
CA THR A 163 -0.13 -25.04 -4.42
C THR A 163 -1.09 -25.16 -3.20
N ILE A 164 -0.60 -24.81 -2.02
CA ILE A 164 -1.46 -24.73 -0.83
C ILE A 164 -2.77 -23.97 -1.10
N ALA A 165 -2.70 -22.80 -1.75
CA ALA A 165 -3.90 -22.02 -2.12
C ALA A 165 -4.85 -22.75 -3.08
N GLY A 166 -4.46 -23.95 -3.51
CA GLY A 166 -5.30 -24.78 -4.38
C GLY A 166 -5.08 -24.45 -5.83
N LEU A 167 -4.00 -23.71 -6.11
CA LEU A 167 -3.64 -23.33 -7.48
C LEU A 167 -2.69 -24.31 -8.13
N ASN A 168 -2.83 -24.44 -9.45
CA ASN A 168 -1.88 -25.13 -10.30
C ASN A 168 -0.98 -24.08 -10.91
N VAL A 169 0.20 -23.92 -10.32
CA VAL A 169 1.17 -22.95 -10.78
C VAL A 169 1.86 -23.49 -12.04
N LEU A 170 1.42 -22.98 -13.19
CA LEU A 170 1.94 -23.38 -14.49
C LEU A 170 3.41 -22.99 -14.63
N ARG A 171 3.72 -21.79 -14.17
CA ARG A 171 5.10 -21.32 -14.12
C ARG A 171 5.25 -20.20 -13.10
N ILE A 172 6.47 -20.11 -12.56
CA ILE A 172 6.94 -18.97 -11.78
C ILE A 172 7.78 -18.17 -12.76
N ILE A 173 7.35 -16.94 -13.02
CA ILE A 173 7.95 -16.05 -14.00
C ILE A 173 8.50 -14.81 -13.25
N ASN A 174 9.67 -14.30 -13.64
CA ASN A 174 10.20 -13.05 -13.07
C ASN A 174 9.34 -11.86 -13.41
N GLU A 175 9.12 -11.01 -12.40
CA GLU A 175 8.43 -9.70 -12.54
C GLU A 175 8.95 -8.82 -13.70
N PRO A 176 10.28 -8.59 -13.79
CA PRO A 176 10.75 -7.82 -14.94
C PRO A 176 10.42 -8.49 -16.31
N THR A 177 10.63 -9.80 -16.40
CA THR A 177 10.25 -10.55 -17.60
C THR A 177 8.77 -10.35 -17.91
N ALA A 178 7.92 -10.49 -16.89
CA ALA A 178 6.47 -10.34 -17.05
C ALA A 178 6.08 -8.98 -17.55
N ALA A 179 6.72 -7.93 -17.04
CA ALA A 179 6.53 -6.56 -17.53
C ALA A 179 6.95 -6.43 -19.01
N ALA A 180 8.13 -6.96 -19.36
CA ALA A 180 8.51 -7.05 -20.77
C ALA A 180 7.45 -7.72 -21.67
N ILE A 181 6.91 -8.87 -21.24
CA ILE A 181 5.85 -9.61 -21.97
C ILE A 181 4.58 -8.77 -22.15
N ALA A 182 4.29 -7.93 -21.14
CA ALA A 182 3.15 -7.01 -21.17
C ALA A 182 3.22 -6.04 -22.35
N TYR A 183 4.43 -5.53 -22.64
CA TYR A 183 4.70 -4.59 -23.75
C TYR A 183 5.10 -5.28 -25.07
N GLY A 184 4.88 -6.59 -25.13
CA GLY A 184 5.17 -7.40 -26.32
C GLY A 184 6.60 -7.26 -26.79
N LEU A 185 7.54 -7.17 -25.85
CA LEU A 185 8.94 -6.98 -26.19
C LEU A 185 9.59 -8.26 -26.67
N ASP A 186 8.97 -9.39 -26.30
CA ASP A 186 9.40 -10.73 -26.74
C ASP A 186 8.95 -11.05 -28.17
N LYS A 187 8.02 -10.24 -28.69
CA LYS A 187 7.51 -10.38 -30.06
C LYS A 187 8.35 -9.68 -31.13
N LYS A 188 9.43 -9.00 -30.73
CA LYS A 188 10.21 -8.17 -31.68
C LYS A 188 11.00 -8.95 -32.74
N VAL A 189 11.36 -8.25 -33.83
CA VAL A 189 11.76 -8.90 -35.09
C VAL A 189 13.08 -9.73 -35.10
N GLY A 190 14.23 -9.06 -35.01
CA GLY A 190 15.50 -9.69 -35.37
C GLY A 190 16.53 -9.89 -34.28
N ALA A 191 17.44 -8.93 -34.14
CA ALA A 191 18.63 -9.05 -33.27
C ALA A 191 18.30 -8.98 -31.78
N GLU A 192 19.25 -9.41 -30.95
CA GLU A 192 19.07 -9.46 -29.50
C GLU A 192 18.96 -8.08 -28.82
N ARG A 193 17.93 -7.95 -27.97
CA ARG A 193 17.59 -6.70 -27.29
C ARG A 193 18.01 -6.71 -25.82
N ASN A 194 18.52 -5.59 -25.34
CA ASN A 194 18.73 -5.39 -23.90
C ASN A 194 17.64 -4.48 -23.31
N VAL A 195 16.88 -5.02 -22.37
CA VAL A 195 15.77 -4.29 -21.78
C VAL A 195 16.09 -3.91 -20.34
N LEU A 196 15.93 -2.63 -20.00
CA LEU A 196 16.02 -2.21 -18.59
C LEU A 196 14.65 -2.07 -18.00
N ILE A 197 14.42 -2.79 -16.91
CA ILE A 197 13.16 -2.70 -16.22
C ILE A 197 13.44 -1.91 -14.96
N PHE A 198 12.77 -0.78 -14.82
CA PHE A 198 12.95 0.15 -13.71
C PHE A 198 11.67 0.09 -12.87
N ASP A 199 11.76 -0.55 -11.70
CA ASP A 199 10.59 -0.89 -10.87
C ASP A 199 10.63 -0.15 -9.53
N LEU A 200 9.80 0.87 -9.39
CA LEU A 200 9.79 1.69 -8.17
C LEU A 200 8.38 1.82 -7.61
N GLY A 201 8.10 1.22 -6.47
CA GLY A 201 6.76 1.31 -5.89
C GLY A 201 6.67 2.23 -4.70
N GLY A 202 5.81 1.86 -3.73
CA GLY A 202 5.68 2.58 -2.47
C GLY A 202 6.77 2.19 -1.46
N GLY A 203 7.43 1.06 -1.74
CA GLY A 203 8.31 0.43 -0.75
C GLY A 203 9.62 -0.17 -1.23
N THR A 204 9.65 -0.73 -2.45
CA THR A 204 10.87 -1.27 -3.03
C THR A 204 11.25 -0.64 -4.39
N PHE A 205 12.55 -0.65 -4.68
CA PHE A 205 13.10 -0.22 -5.96
C PHE A 205 13.96 -1.33 -6.55
N ASP A 206 13.57 -1.84 -7.70
CA ASP A 206 14.30 -2.92 -8.33
C ASP A 206 14.66 -2.56 -9.76
N VAL A 207 15.94 -2.67 -10.09
CA VAL A 207 16.40 -2.49 -11.46
C VAL A 207 16.84 -3.85 -11.98
N SER A 208 16.39 -4.19 -13.19
CA SER A 208 16.80 -5.44 -13.81
C SER A 208 17.12 -5.17 -15.27
N ILE A 209 18.17 -5.79 -15.76
CA ILE A 209 18.46 -5.78 -17.18
C ILE A 209 18.31 -7.21 -17.68
N LEU A 210 17.51 -7.37 -18.72
CA LEU A 210 17.36 -8.65 -19.37
C LEU A 210 17.89 -8.62 -20.80
N THR A 211 18.21 -9.79 -21.35
CA THR A 211 18.37 -9.97 -22.78
C THR A 211 17.12 -10.71 -23.29
N ILE A 212 16.61 -10.30 -24.43
CA ILE A 212 15.57 -11.01 -25.17
C ILE A 212 16.14 -11.29 -26.58
N GLU A 213 16.04 -12.54 -27.02
CA GLU A 213 16.43 -12.92 -28.38
C GLU A 213 15.54 -14.05 -28.85
N ASP A 214 14.85 -13.81 -29.98
CA ASP A 214 13.93 -14.81 -30.53
C ASP A 214 12.83 -15.12 -29.52
N GLY A 215 12.50 -14.13 -28.69
CA GLY A 215 11.49 -14.27 -27.63
C GLY A 215 11.97 -14.97 -26.37
N ILE A 216 13.22 -15.44 -26.37
CA ILE A 216 13.82 -16.14 -25.23
C ILE A 216 14.51 -15.12 -24.30
N PHE A 217 14.18 -15.18 -23.00
CA PHE A 217 14.63 -14.21 -22.00
C PHE A 217 15.89 -14.66 -21.24
N GLU A 218 16.74 -13.71 -20.88
CA GLU A 218 17.87 -13.97 -19.97
C GLU A 218 18.06 -12.81 -18.99
N VAL A 219 18.05 -13.09 -17.69
CA VAL A 219 18.38 -12.07 -16.68
C VAL A 219 19.90 -11.79 -16.71
N LYS A 220 20.27 -10.53 -16.94
CA LYS A 220 21.68 -10.13 -16.95
C LYS A 220 22.18 -9.59 -15.63
N SER A 221 21.39 -8.75 -14.97
CA SER A 221 21.78 -8.23 -13.67
C SER A 221 20.58 -7.71 -12.89
N THR A 222 20.77 -7.47 -11.60
CA THR A 222 19.76 -6.84 -10.77
C THR A 222 20.44 -5.84 -9.84
N ALA A 223 19.69 -4.81 -9.48
CA ALA A 223 20.14 -3.76 -8.57
C ALA A 223 18.93 -3.04 -7.98
N GLY A 224 19.17 -2.19 -7.01
CA GLY A 224 18.12 -1.29 -6.52
C GLY A 224 18.27 -1.00 -5.04
N ASP A 225 17.14 -0.84 -4.37
CA ASP A 225 17.11 -0.46 -2.96
C ASP A 225 15.89 -1.13 -2.38
N THR A 226 16.09 -1.91 -1.32
CA THR A 226 14.99 -2.67 -0.70
C THR A 226 13.99 -1.79 0.02
N HIS A 227 14.47 -0.65 0.53
CA HIS A 227 13.61 0.33 1.21
C HIS A 227 13.66 1.72 0.53
N LEU A 228 13.06 1.78 -0.66
CA LEU A 228 12.84 3.05 -1.36
C LEU A 228 11.51 3.01 -2.07
N GLY A 229 10.70 4.04 -1.81
CA GLY A 229 9.41 4.13 -2.44
C GLY A 229 8.78 5.47 -2.25
N GLY A 230 7.50 5.57 -2.58
CA GLY A 230 6.75 6.81 -2.44
C GLY A 230 6.56 7.20 -1.00
N GLU A 231 6.76 6.22 -0.11
CA GLU A 231 6.66 6.41 1.33
C GLU A 231 7.67 7.45 1.77
N ASP A 232 8.84 7.38 1.15
CA ASP A 232 9.96 8.25 1.46
C ASP A 232 9.78 9.67 0.96
N PHE A 233 9.09 9.80 -0.18
CA PHE A 233 8.81 11.10 -0.82
C PHE A 233 7.69 11.88 -0.09
N ASP A 234 6.71 11.15 0.43
CA ASP A 234 5.69 11.68 1.35
C ASP A 234 6.34 12.30 2.59
N ASN A 235 7.30 11.61 3.18
CA ASN A 235 8.03 12.10 4.35
C ASN A 235 8.79 13.40 4.16
N ARG A 236 9.34 13.62 2.97
CA ARG A 236 10.01 14.88 2.66
C ARG A 236 8.99 16.03 2.63
N MET A 237 7.78 15.76 2.15
CA MET A 237 6.69 16.74 2.12
C MET A 237 6.08 16.97 3.52
N VAL A 238 5.96 15.88 4.27
CA VAL A 238 5.55 15.95 5.67
C VAL A 238 6.45 16.87 6.49
N ASN A 239 7.77 16.68 6.40
CA ASN A 239 8.71 17.46 7.22
C ASN A 239 8.72 18.93 6.80
N HIS A 240 8.49 19.15 5.50
CA HIS A 240 8.36 20.48 4.89
C HIS A 240 7.18 21.24 5.48
N PHE A 241 6.01 20.58 5.56
CA PHE A 241 4.79 21.18 6.16
C PHE A 241 4.79 21.25 7.69
N ILE A 242 5.51 20.34 8.36
CA ILE A 242 5.71 20.50 9.80
C ILE A 242 6.53 21.77 10.12
N ALA A 243 7.57 22.00 9.33
CA ALA A 243 8.42 23.18 9.45
C ALA A 243 7.61 24.43 9.16
N GLU A 244 6.74 24.36 8.16
CA GLU A 244 5.87 25.48 7.78
C GLU A 244 4.89 25.89 8.88
N PHE A 245 4.26 24.90 9.52
CA PHE A 245 3.32 25.13 10.60
C PHE A 245 4.07 25.75 11.81
N LYS A 246 5.26 25.22 12.12
CA LYS A 246 6.13 25.81 13.13
C LYS A 246 6.48 27.26 12.80
N ARG A 247 6.75 27.51 11.52
CA ARG A 247 7.04 28.86 11.06
C ARG A 247 5.84 29.81 11.22
N LYS A 248 4.68 29.51 10.62
CA LYS A 248 3.53 30.43 10.67
C LYS A 248 2.83 30.50 12.03
N HIS A 249 2.91 29.43 12.82
CA HIS A 249 2.13 29.34 14.07
C HIS A 249 2.95 29.19 15.35
N LYS A 250 4.27 29.04 15.22
CA LYS A 250 5.19 28.78 16.36
C LYS A 250 4.75 27.57 17.19
N LYS A 251 4.41 26.50 16.48
CA LYS A 251 3.75 25.34 17.04
C LYS A 251 4.37 24.05 16.50
N ASP A 252 4.62 23.08 17.37
CA ASP A 252 5.19 21.80 16.96
C ASP A 252 4.14 20.67 17.00
N ILE A 253 3.72 20.23 15.82
CA ILE A 253 2.61 19.27 15.70
C ILE A 253 3.02 17.78 15.78
N SER A 254 4.32 17.52 15.64
CA SER A 254 4.87 16.19 15.35
C SER A 254 4.64 15.10 16.42
N GLU A 255 4.21 15.51 17.60
CA GLU A 255 3.90 14.57 18.69
C GLU A 255 2.40 14.36 18.85
N ASN A 256 1.63 15.03 18.01
CA ASN A 256 0.23 14.69 17.83
C ASN A 256 0.06 13.66 16.71
N LYS A 257 -0.08 12.39 17.07
CA LYS A 257 -0.11 11.28 16.13
C LYS A 257 -1.22 11.43 15.11
N ARG A 258 -2.36 11.94 15.57
CA ARG A 258 -3.54 12.10 14.72
C ARG A 258 -3.40 13.23 13.70
N ALA A 259 -2.67 14.27 14.09
CA ALA A 259 -2.26 15.40 13.24
C ALA A 259 -1.20 15.05 12.16
N VAL A 260 -0.12 14.40 12.60
CA VAL A 260 0.86 13.84 11.70
C VAL A 260 0.16 12.92 10.68
N ARG A 261 -0.75 12.07 11.12
CA ARG A 261 -1.47 11.16 10.21
C ARG A 261 -2.35 11.88 9.17
N ARG A 262 -3.25 12.74 9.65
CA ARG A 262 -3.96 13.69 8.76
C ARG A 262 -3.08 14.35 7.70
N LEU A 263 -2.00 14.99 8.16
CA LEU A 263 -1.02 15.61 7.28
C LEU A 263 -0.43 14.63 6.26
N ARG A 264 0.12 13.51 6.73
CA ARG A 264 0.72 12.50 5.84
C ARG A 264 -0.27 11.95 4.77
N THR A 265 -1.47 11.63 5.19
CA THR A 265 -2.50 11.12 4.30
C THR A 265 -2.78 12.15 3.24
N ALA A 266 -2.80 13.43 3.64
CA ALA A 266 -3.07 14.52 2.72
C ALA A 266 -1.89 14.74 1.78
N CYS A 267 -0.68 14.51 2.31
CA CYS A 267 0.57 14.62 1.55
C CYS A 267 0.75 13.55 0.47
N GLU A 268 0.43 12.29 0.75
CA GLU A 268 0.54 11.30 -0.32
C GLU A 268 -0.50 11.51 -1.41
N ARG A 269 -1.66 12.07 -1.04
CA ARG A 269 -2.69 12.42 -2.00
C ARG A 269 -2.30 13.63 -2.83
N ALA A 270 -1.71 14.64 -2.19
CA ALA A 270 -1.15 15.79 -2.91
C ALA A 270 -0.05 15.33 -3.88
N LYS A 271 0.87 14.50 -3.39
CA LYS A 271 1.87 13.87 -4.24
C LYS A 271 1.32 13.28 -5.54
N ARG A 272 0.23 12.51 -5.45
CA ARG A 272 -0.36 11.88 -6.64
C ARG A 272 -0.94 12.91 -7.60
N THR A 273 -1.62 13.92 -7.04
CA THR A 273 -2.13 15.06 -7.79
C THR A 273 -1.00 15.72 -8.60
N LEU A 274 0.12 15.98 -7.94
CA LEU A 274 1.33 16.51 -8.56
C LEU A 274 1.96 15.69 -9.67
N SER A 275 1.49 14.46 -9.89
CA SER A 275 1.96 13.68 -11.03
C SER A 275 1.22 14.05 -12.31
N SER A 276 0.07 14.70 -12.16
CA SER A 276 -0.72 15.10 -13.32
C SER A 276 -1.03 16.60 -13.36
N SER A 277 -0.88 17.29 -12.24
CA SER A 277 -0.96 18.77 -12.23
C SER A 277 0.29 19.37 -11.59
N THR A 278 0.49 20.68 -11.77
CA THR A 278 1.71 21.31 -11.34
C THR A 278 1.60 21.93 -9.94
N GLN A 279 0.40 21.95 -9.38
CA GLN A 279 0.20 22.41 -8.00
C GLN A 279 -0.84 21.54 -7.30
N ALA A 280 -0.68 21.39 -5.98
CA ALA A 280 -1.63 20.67 -5.12
C ALA A 280 -2.02 21.51 -3.91
N SER A 281 -3.32 21.67 -3.70
CA SER A 281 -3.81 22.41 -2.54
C SER A 281 -4.31 21.49 -1.42
N ILE A 282 -3.99 21.86 -0.17
CA ILE A 282 -4.43 21.15 1.03
C ILE A 282 -5.12 22.10 2.00
N GLU A 283 -6.32 21.71 2.43
CA GLU A 283 -7.02 22.35 3.54
C GLU A 283 -7.32 21.28 4.60
N ILE A 284 -6.70 21.43 5.77
CA ILE A 284 -7.01 20.63 6.94
C ILE A 284 -7.51 21.51 8.09
N ASP A 285 -8.80 21.44 8.38
CA ASP A 285 -9.38 22.21 9.49
C ASP A 285 -8.92 21.66 10.81
N SER A 286 -8.70 22.57 11.77
CA SER A 286 -8.36 22.20 13.12
C SER A 286 -7.30 21.08 13.16
N LEU A 287 -6.16 21.30 12.51
CA LEU A 287 -5.13 20.27 12.50
C LEU A 287 -4.44 20.11 13.85
N TYR A 288 -4.09 21.23 14.50
CA TYR A 288 -3.39 21.22 15.79
C TYR A 288 -3.78 22.38 16.71
N GLU A 289 -4.09 22.05 17.97
CA GLU A 289 -4.64 23.02 18.93
C GLU A 289 -5.66 23.96 18.31
N GLY A 290 -6.50 23.40 17.43
CA GLY A 290 -7.61 24.12 16.82
C GLY A 290 -7.23 24.99 15.63
N ILE A 291 -5.98 24.92 15.21
CA ILE A 291 -5.51 25.80 14.16
C ILE A 291 -5.73 25.10 12.82
N ASP A 292 -6.33 25.82 11.88
CA ASP A 292 -6.53 25.32 10.52
C ASP A 292 -5.23 25.33 9.72
N PHE A 293 -5.03 24.34 8.86
CA PHE A 293 -3.82 24.31 8.03
C PHE A 293 -4.18 24.30 6.55
N TYR A 294 -4.17 25.48 5.94
CA TYR A 294 -4.39 25.63 4.52
C TYR A 294 -3.04 25.95 3.94
N THR A 295 -2.69 25.24 2.87
CA THR A 295 -1.42 25.37 2.20
C THR A 295 -1.54 24.73 0.81
N SER A 296 -0.52 24.92 -0.01
CA SER A 296 -0.41 24.30 -1.31
C SER A 296 1.04 23.91 -1.55
N ILE A 297 1.29 23.10 -2.57
CA ILE A 297 2.68 22.80 -2.95
C ILE A 297 2.79 22.70 -4.47
N THR A 298 3.82 23.32 -5.05
CA THR A 298 4.08 23.14 -6.48
C THR A 298 4.85 21.85 -6.74
N ARG A 299 4.74 21.36 -7.96
CA ARG A 299 5.53 20.24 -8.42
C ARG A 299 7.02 20.50 -8.32
N ALA A 300 7.47 21.67 -8.76
CA ALA A 300 8.88 22.04 -8.66
C ALA A 300 9.39 22.03 -7.21
N ARG A 301 8.56 22.48 -6.27
CA ARG A 301 8.94 22.40 -4.87
C ARG A 301 8.98 20.97 -4.33
N PHE A 302 8.02 20.14 -4.74
CA PHE A 302 8.02 18.71 -4.43
C PHE A 302 9.29 18.01 -4.96
N GLU A 303 9.64 18.30 -6.21
CA GLU A 303 10.82 17.73 -6.82
C GLU A 303 12.06 18.16 -6.05
N GLU A 304 12.04 19.40 -5.59
CA GLU A 304 13.16 19.96 -4.86
C GLU A 304 13.36 19.29 -3.50
N LEU A 305 12.24 19.02 -2.81
CA LEU A 305 12.28 18.29 -1.53
C LEU A 305 12.92 16.92 -1.64
N ASN A 306 12.80 16.33 -2.82
CA ASN A 306 13.19 14.96 -3.05
C ASN A 306 14.37 14.84 -4.00
N ALA A 307 15.05 15.96 -4.27
CA ALA A 307 16.06 16.00 -5.34
C ALA A 307 17.13 14.90 -5.28
N ASP A 308 17.77 14.73 -4.12
CA ASP A 308 18.76 13.68 -3.89
C ASP A 308 18.18 12.26 -4.13
N LEU A 309 16.99 12.02 -3.57
CA LEU A 309 16.32 10.71 -3.63
C LEU A 309 15.97 10.31 -5.06
N PHE A 310 15.38 11.23 -5.83
CA PHE A 310 15.13 10.98 -7.24
C PHE A 310 16.43 10.71 -8.01
N ARG A 311 17.42 11.60 -7.84
CA ARG A 311 18.69 11.48 -8.54
C ARG A 311 19.34 10.15 -8.18
N GLY A 312 19.22 9.77 -6.91
CA GLY A 312 19.77 8.53 -6.40
C GLY A 312 19.22 7.26 -7.05
N THR A 313 18.12 7.36 -7.79
CA THR A 313 17.57 6.17 -8.41
C THR A 313 18.46 5.70 -9.57
N LEU A 314 19.30 6.61 -10.05
CA LEU A 314 20.16 6.39 -11.20
C LEU A 314 21.40 5.56 -10.86
N ASP A 315 21.72 5.48 -9.56
CA ASP A 315 22.86 4.72 -9.07
C ASP A 315 22.71 3.19 -9.23
N PRO A 316 21.64 2.56 -8.65
CA PRO A 316 21.25 1.18 -9.03
C PRO A 316 21.27 0.91 -10.54
N VAL A 317 20.76 1.86 -11.33
CA VAL A 317 20.76 1.76 -12.78
C VAL A 317 22.18 1.58 -13.39
N GLU A 318 23.15 2.36 -12.89
CA GLU A 318 24.54 2.33 -13.35
C GLU A 318 25.24 1.07 -12.85
N LYS A 319 24.89 0.64 -11.64
CA LYS A 319 25.36 -0.63 -11.08
C LYS A 319 24.87 -1.81 -11.90
N ALA A 320 23.59 -1.78 -12.27
CA ALA A 320 22.99 -2.77 -13.15
C ALA A 320 23.75 -2.89 -14.46
N LEU A 321 23.92 -1.77 -15.16
CA LEU A 321 24.68 -1.68 -16.41
C LEU A 321 26.12 -2.19 -16.25
N ARG A 322 26.80 -1.76 -15.20
CA ARG A 322 28.14 -2.27 -14.92
C ARG A 322 28.11 -3.80 -14.83
N ASP A 323 27.23 -4.33 -13.97
CA ASP A 323 27.14 -5.77 -13.69
C ASP A 323 26.73 -6.63 -14.89
N ALA A 324 25.96 -6.05 -15.82
CA ALA A 324 25.58 -6.71 -17.07
C ALA A 324 26.61 -6.55 -18.19
N LYS A 325 27.69 -5.81 -17.90
CA LYS A 325 28.72 -5.43 -18.88
C LYS A 325 28.22 -4.59 -20.06
N LEU A 326 27.25 -3.73 -19.80
CA LEU A 326 26.58 -2.92 -20.83
C LEU A 326 26.81 -1.42 -20.70
N ASP A 327 26.86 -0.75 -21.84
CA ASP A 327 26.84 0.70 -21.93
C ASP A 327 25.39 1.16 -22.06
N LYS A 328 25.09 2.33 -21.52
CA LYS A 328 23.72 2.84 -21.50
C LYS A 328 23.11 3.05 -22.89
N SER A 329 23.96 3.09 -23.91
CA SER A 329 23.49 3.15 -25.31
C SER A 329 22.99 1.79 -25.78
N GLN A 330 23.53 0.72 -25.19
CA GLN A 330 23.20 -0.65 -25.59
C GLN A 330 21.91 -1.19 -24.93
N ILE A 331 21.12 -0.28 -24.34
CA ILE A 331 19.79 -0.61 -23.86
C ILE A 331 18.80 -0.16 -24.94
N HIS A 332 17.97 -1.10 -25.37
CA HIS A 332 17.03 -0.90 -26.47
C HIS A 332 15.65 -0.53 -25.97
N ASP A 333 15.35 -0.93 -24.72
CA ASP A 333 14.02 -0.72 -24.14
C ASP A 333 14.13 -0.47 -22.65
N ILE A 334 13.33 0.48 -22.18
CA ILE A 334 13.21 0.81 -20.77
C ILE A 334 11.75 0.63 -20.45
N VAL A 335 11.45 -0.10 -19.38
CA VAL A 335 10.07 -0.37 -18.99
C VAL A 335 9.85 0.17 -17.59
N LEU A 336 8.71 0.85 -17.39
CA LEU A 336 8.35 1.48 -16.10
C LEU A 336 7.32 0.65 -15.32
N VAL A 337 7.69 0.24 -14.11
CA VAL A 337 6.81 -0.54 -13.26
C VAL A 337 6.82 0.06 -11.82
N GLY A 338 5.68 0.02 -11.13
CA GLY A 338 5.54 0.60 -9.79
C GLY A 338 4.89 1.99 -9.79
N GLY A 339 4.04 2.24 -8.80
CA GLY A 339 3.31 3.51 -8.70
C GLY A 339 4.16 4.79 -8.71
N SER A 340 5.33 4.73 -8.09
CA SER A 340 6.22 5.89 -8.10
C SER A 340 6.76 6.31 -9.48
N THR A 341 6.78 5.39 -10.45
CA THR A 341 7.27 5.75 -11.80
C THR A 341 6.34 6.71 -12.55
N ARG A 342 5.20 7.03 -11.95
CA ARG A 342 4.29 8.03 -12.48
C ARG A 342 4.76 9.46 -12.20
N ILE A 343 5.84 9.60 -11.43
CA ILE A 343 6.36 10.91 -11.08
C ILE A 343 7.12 11.44 -12.31
N PRO A 344 6.67 12.59 -12.86
CA PRO A 344 7.34 13.21 -14.02
C PRO A 344 8.87 13.36 -13.90
N LYS A 345 9.35 13.77 -12.73
CA LYS A 345 10.81 14.00 -12.55
C LYS A 345 11.63 12.74 -12.65
N ILE A 346 11.09 11.64 -12.12
CA ILE A 346 11.70 10.31 -12.22
C ILE A 346 11.80 9.84 -13.68
N GLN A 347 10.72 10.04 -14.43
CA GLN A 347 10.66 9.71 -15.85
C GLN A 347 11.54 10.58 -16.71
N LYS A 348 11.79 11.80 -16.26
CA LYS A 348 12.67 12.76 -16.93
C LYS A 348 14.14 12.51 -16.61
N LEU A 349 14.43 12.13 -15.37
CA LEU A 349 15.80 11.75 -14.98
C LEU A 349 16.28 10.49 -15.72
N LEU A 350 15.35 9.56 -15.92
CA LEU A 350 15.61 8.31 -16.62
C LEU A 350 15.66 8.57 -18.11
N GLN A 351 14.71 9.35 -18.60
CA GLN A 351 14.64 9.81 -19.98
C GLN A 351 15.94 10.45 -20.46
N ASP A 352 16.66 11.13 -19.57
CA ASP A 352 17.82 11.91 -19.96
C ASP A 352 19.13 11.17 -19.75
N PHE A 353 19.21 10.34 -18.72
CA PHE A 353 20.34 9.41 -18.52
C PHE A 353 20.51 8.53 -19.77
N PHE A 354 19.40 8.00 -20.28
CA PHE A 354 19.41 7.30 -21.57
C PHE A 354 19.20 8.28 -22.73
N ASN A 355 19.95 9.39 -22.66
CA ASN A 355 20.01 10.44 -23.71
C ASN A 355 18.74 10.69 -24.54
N GLY A 356 17.59 10.63 -23.87
CA GLY A 356 16.29 10.92 -24.50
C GLY A 356 15.53 9.71 -25.01
N LYS A 357 15.86 8.51 -24.51
CA LYS A 357 15.51 7.21 -25.17
C LYS A 357 14.04 6.83 -25.42
N GLU A 358 13.10 7.40 -24.65
CA GLU A 358 11.67 6.98 -24.73
C GLU A 358 11.36 5.74 -23.86
N LEU A 359 10.32 5.86 -23.04
CA LEU A 359 10.03 4.84 -22.03
C LEU A 359 8.75 4.07 -22.33
N ASN A 360 8.74 2.78 -22.00
CA ASN A 360 7.52 1.97 -22.08
C ASN A 360 6.73 2.21 -20.79
N LYS A 361 5.55 2.82 -20.89
CA LYS A 361 4.84 3.31 -19.70
C LYS A 361 3.34 3.47 -19.84
N SER A 362 2.78 3.01 -20.95
CA SER A 362 1.34 3.11 -21.22
C SER A 362 0.49 2.16 -20.39
N ILE A 363 1.05 1.03 -19.98
CA ILE A 363 0.31 0.10 -19.09
C ILE A 363 0.44 0.62 -17.67
N ASN A 364 -0.69 0.72 -16.96
CA ASN A 364 -0.74 1.10 -15.54
C ASN A 364 0.46 0.43 -14.86
N PRO A 365 1.40 1.24 -14.35
CA PRO A 365 2.64 0.70 -13.74
C PRO A 365 2.42 -0.21 -12.54
N ASP A 366 1.27 -0.09 -11.87
CA ASP A 366 0.93 -0.94 -10.74
C ASP A 366 0.45 -2.31 -11.21
N GLU A 367 0.05 -2.38 -12.48
CA GLU A 367 -0.64 -3.51 -13.07
C GLU A 367 0.15 -4.27 -14.16
N ALA A 368 1.21 -3.67 -14.68
CA ALA A 368 2.00 -4.25 -15.76
C ALA A 368 2.47 -5.70 -15.52
N VAL A 369 2.94 -5.99 -14.31
CA VAL A 369 3.45 -7.31 -13.94
C VAL A 369 2.36 -8.44 -13.97
N ALA A 370 1.17 -8.15 -13.46
CA ALA A 370 0.02 -9.05 -13.52
C ALA A 370 -0.52 -9.19 -14.94
N TYR A 371 -0.40 -8.09 -15.69
CA TYR A 371 -0.72 -8.00 -17.10
C TYR A 371 0.15 -8.95 -17.95
N GLY A 372 1.46 -8.94 -17.72
CA GLY A 372 2.38 -9.85 -18.41
C GLY A 372 2.20 -11.30 -17.99
N ALA A 373 1.78 -11.53 -16.74
CA ALA A 373 1.61 -12.86 -16.19
C ALA A 373 0.36 -13.49 -16.75
N ALA A 374 -0.65 -12.66 -17.00
CA ALA A 374 -1.94 -13.05 -17.53
C ALA A 374 -1.81 -13.43 -19.00
N VAL A 375 -1.09 -12.63 -19.78
CA VAL A 375 -0.69 -12.99 -21.17
C VAL A 375 0.00 -14.36 -21.21
N GLN A 376 1.02 -14.54 -20.37
CA GLN A 376 1.75 -15.80 -20.30
C GLN A 376 0.95 -17.00 -19.77
N ALA A 377 0.09 -16.78 -18.76
CA ALA A 377 -0.83 -17.83 -18.28
C ALA A 377 -1.80 -18.38 -19.33
N ALA A 378 -2.27 -17.51 -20.24
CA ALA A 378 -3.20 -17.91 -21.30
C ALA A 378 -2.47 -18.77 -22.33
N ILE A 379 -1.26 -18.32 -22.66
CA ILE A 379 -0.35 -18.98 -23.57
C ILE A 379 0.04 -20.38 -23.06
N LEU A 380 0.11 -20.54 -21.75
CA LEU A 380 0.51 -21.78 -21.10
C LEU A 380 -0.65 -22.73 -20.82
N SER A 381 -1.86 -22.25 -21.04
CA SER A 381 -3.06 -22.97 -20.63
C SER A 381 -3.61 -23.85 -21.73
N GLY B 1 -25.44 34.96 -5.60
CA GLY B 1 -24.85 34.46 -4.30
C GLY B 1 -24.67 32.93 -4.24
N ASN B 2 -25.51 32.28 -3.43
CA ASN B 2 -25.60 30.82 -3.34
C ASN B 2 -25.51 30.08 -4.71
N SER B 3 -24.50 29.23 -4.83
CA SER B 3 -24.18 28.54 -6.08
C SER B 3 -24.71 27.10 -6.14
N PRO B 4 -25.09 26.62 -7.34
CA PRO B 4 -25.40 25.18 -7.54
C PRO B 4 -24.27 24.26 -7.06
N GLN B 5 -23.02 24.63 -7.40
CA GLN B 5 -21.76 23.97 -6.96
C GLN B 5 -21.63 23.71 -5.45
N GLU B 6 -22.04 24.67 -4.63
CA GLU B 6 -21.93 24.50 -3.18
C GLU B 6 -22.90 23.46 -2.65
N GLU B 7 -23.99 23.18 -3.37
CA GLU B 7 -24.94 22.12 -2.98
C GLU B 7 -24.32 20.72 -3.01
N VAL B 8 -23.40 20.53 -3.95
CA VAL B 8 -22.59 19.30 -4.06
C VAL B 8 -21.76 19.11 -2.79
N GLU B 9 -21.16 20.19 -2.30
CA GLU B 9 -20.29 20.16 -1.10
C GLU B 9 -21.10 19.96 0.17
N LEU B 10 -22.15 20.76 0.30
CA LEU B 10 -23.11 20.60 1.40
C LEU B 10 -23.74 19.21 1.49
N LYS B 11 -23.95 18.57 0.36
CA LYS B 11 -24.49 17.20 0.33
C LYS B 11 -23.47 16.16 0.84
N LYS B 12 -22.21 16.32 0.41
CA LYS B 12 -21.08 15.56 0.89
C LYS B 12 -20.93 15.60 2.40
N LEU B 13 -20.93 16.81 2.95
CA LEU B 13 -20.81 17.04 4.40
C LEU B 13 -22.01 16.58 5.22
N LYS B 14 -23.20 16.53 4.60
CA LYS B 14 -24.42 16.01 5.23
C LYS B 14 -24.37 14.52 5.41
N HIS B 15 -23.82 13.86 4.40
CA HIS B 15 -23.61 12.43 4.44
C HIS B 15 -22.52 12.06 5.45
N LEU B 16 -21.46 12.87 5.52
CA LEU B 16 -20.42 12.73 6.55
C LEU B 16 -20.93 13.01 7.97
N GLU B 17 -21.88 13.94 8.10
CA GLU B 17 -22.52 14.25 9.39
C GLU B 17 -23.30 13.07 9.96
N LYS B 18 -23.99 12.34 9.08
CA LYS B 18 -24.77 11.17 9.45
C LYS B 18 -23.88 9.99 9.87
N SER B 19 -22.76 9.82 9.17
CA SER B 19 -21.74 8.85 9.53
C SER B 19 -21.17 9.10 10.93
N VAL B 20 -20.86 10.36 11.20
CA VAL B 20 -20.39 10.81 12.51
C VAL B 20 -21.41 10.46 13.61
N GLU B 21 -22.68 10.70 13.30
CA GLU B 21 -23.81 10.42 14.19
C GLU B 21 -23.93 8.94 14.49
N LYS B 22 -23.57 8.10 13.53
CA LYS B 22 -23.64 6.65 13.68
C LYS B 22 -22.47 6.07 14.51
N ILE B 23 -21.25 6.57 14.26
CA ILE B 23 -20.08 6.30 15.15
C ILE B 23 -20.33 6.82 16.57
N ALA B 24 -20.91 8.01 16.69
CA ALA B 24 -21.20 8.64 17.98
C ALA B 24 -22.15 7.81 18.86
N ASP B 25 -23.00 7.02 18.21
CA ASP B 25 -23.95 6.17 18.91
C ASP B 25 -23.28 4.87 19.30
N GLN B 26 -22.36 4.38 18.47
CA GLN B 26 -21.47 3.31 18.91
C GLN B 26 -20.68 3.74 20.16
N LEU B 27 -20.14 4.96 20.14
CA LEU B 27 -19.49 5.53 21.32
C LEU B 27 -20.45 5.56 22.51
N GLU B 28 -21.68 6.02 22.29
CA GLU B 28 -22.73 5.98 23.32
C GLU B 28 -22.95 4.58 23.91
N GLU B 29 -22.99 3.56 23.04
CA GLU B 29 -23.16 2.16 23.44
C GLU B 29 -21.98 1.62 24.25
N LEU B 30 -20.80 2.21 24.07
CA LEU B 30 -19.59 1.85 24.82
C LEU B 30 -19.64 2.27 26.29
N ASN B 31 -20.09 3.48 26.57
CA ASN B 31 -20.25 3.93 27.96
C ASN B 31 -21.40 3.22 28.68
N LYS B 32 -22.47 2.91 27.95
CA LYS B 32 -23.63 2.23 28.53
C LYS B 32 -23.28 0.81 28.98
N GLU B 33 -22.35 0.17 28.27
CA GLU B 33 -21.89 -1.17 28.59
C GLU B 33 -20.77 -1.14 29.61
N LEU B 34 -19.81 -0.22 29.42
CA LEU B 34 -18.71 0.03 30.36
C LEU B 34 -19.17 0.14 31.80
N THR B 35 -20.15 1.01 32.03
CA THR B 35 -20.79 1.18 33.34
C THR B 35 -21.21 -0.16 33.97
N GLY B 36 -22.00 -0.95 33.25
CA GLY B 36 -22.48 -2.26 33.73
C GLY B 36 -21.39 -3.26 34.10
N ILE B 37 -20.30 -3.24 33.35
CA ILE B 37 -19.11 -4.06 33.59
C ILE B 37 -18.25 -3.48 34.73
N GLN B 38 -18.20 -2.15 34.83
CA GLN B 38 -17.42 -1.45 35.86
C GLN B 38 -18.09 -1.50 37.23
N GLN B 39 -19.00 -2.46 37.39
CA GLN B 39 -19.70 -2.67 38.64
C GLN B 39 -19.67 -4.16 38.90
N GLY B 40 -18.87 -4.54 39.90
CA GLY B 40 -18.33 -5.89 40.09
C GLY B 40 -19.24 -7.11 40.02
N PHE B 41 -20.06 -7.15 38.97
CA PHE B 41 -21.01 -8.25 38.70
C PHE B 41 -20.30 -9.61 38.57
N LEU B 42 -19.13 -9.59 37.93
CA LEU B 42 -18.31 -10.79 37.72
C LEU B 42 -16.87 -10.66 38.26
N PRO B 43 -16.15 -11.80 38.41
CA PRO B 43 -14.81 -11.76 39.03
C PRO B 43 -13.83 -10.91 38.21
N LYS B 44 -12.75 -10.48 38.86
CA LYS B 44 -11.85 -9.48 38.29
C LYS B 44 -11.14 -9.94 37.00
N ASP B 45 -10.79 -11.22 36.94
CA ASP B 45 -10.12 -11.77 35.77
C ASP B 45 -10.98 -11.67 34.50
N LEU B 46 -12.28 -11.90 34.67
CA LEU B 46 -13.25 -11.94 33.59
C LEU B 46 -13.81 -10.54 33.26
N GLN B 47 -13.90 -9.69 34.30
CA GLN B 47 -14.23 -8.28 34.14
C GLN B 47 -13.19 -7.59 33.26
N ALA B 48 -11.92 -7.94 33.47
CA ALA B 48 -10.80 -7.45 32.66
C ALA B 48 -10.95 -7.84 31.19
N GLU B 49 -11.33 -9.11 30.99
CA GLU B 49 -11.65 -9.67 29.67
C GLU B 49 -12.78 -8.90 28.97
N ALA B 50 -13.79 -8.50 29.73
CA ALA B 50 -14.87 -7.68 29.19
C ALA B 50 -14.37 -6.29 28.84
N LEU B 51 -13.54 -5.70 29.71
CA LEU B 51 -12.96 -4.36 29.50
C LEU B 51 -12.06 -4.29 28.27
N CYS B 52 -11.33 -5.38 27.99
CA CYS B 52 -10.48 -5.46 26.80
C CYS B 52 -11.28 -5.52 25.51
N LYS B 53 -12.29 -6.39 25.46
CA LYS B 53 -13.33 -6.38 24.42
C LYS B 53 -13.87 -4.97 24.16
N LEU B 54 -14.29 -4.29 25.22
CA LEU B 54 -14.75 -2.90 25.16
C LEU B 54 -13.67 -1.94 24.59
N ASP B 55 -12.41 -2.19 24.97
CA ASP B 55 -11.25 -1.39 24.54
C ASP B 55 -11.00 -1.49 23.03
N ARG B 56 -11.13 -2.70 22.50
CA ARG B 56 -10.94 -2.95 21.06
C ARG B 56 -11.98 -2.21 20.23
N ARG B 57 -13.17 -2.05 20.81
CA ARG B 57 -14.27 -1.32 20.19
C ARG B 57 -14.07 0.19 20.25
N VAL B 58 -13.59 0.72 21.38
CA VAL B 58 -13.08 2.11 21.43
C VAL B 58 -12.08 2.39 20.30
N LYS B 59 -11.18 1.45 20.07
CA LYS B 59 -10.17 1.56 19.01
C LYS B 59 -10.77 1.61 17.60
N ALA B 60 -11.80 0.79 17.36
CA ALA B 60 -12.55 0.80 16.11
C ALA B 60 -13.20 2.16 15.85
N THR B 61 -13.85 2.66 16.89
CA THR B 61 -14.54 3.94 16.94
C THR B 61 -13.58 5.10 16.62
N ILE B 62 -12.46 5.19 17.34
CA ILE B 62 -11.41 6.18 17.07
C ILE B 62 -10.98 6.12 15.60
N GLU B 63 -10.70 4.92 15.12
CA GLU B 63 -10.32 4.70 13.73
C GLU B 63 -11.37 5.11 12.70
N GLN B 64 -12.64 4.90 13.02
CA GLN B 64 -13.74 5.40 12.19
C GLN B 64 -13.79 6.92 12.14
N PHE B 65 -13.57 7.59 13.28
CA PHE B 65 -13.60 9.05 13.29
C PHE B 65 -12.44 9.59 12.46
N MET B 66 -11.28 8.95 12.64
CA MET B 66 -10.08 9.28 11.89
C MET B 66 -10.25 9.18 10.40
N LYS B 67 -10.91 8.14 9.92
CA LYS B 67 -11.23 7.99 8.49
C LYS B 67 -12.21 9.06 8.01
N ILE B 68 -13.14 9.45 8.87
CA ILE B 68 -14.02 10.60 8.60
C ILE B 68 -13.18 11.86 8.39
N LEU B 69 -12.27 12.15 9.34
CA LEU B 69 -11.37 13.32 9.22
C LEU B 69 -10.58 13.31 7.92
N GLU B 70 -10.07 12.14 7.52
CA GLU B 70 -9.32 12.03 6.27
C GLU B 70 -10.16 12.38 5.05
N GLU B 71 -11.43 12.00 5.07
CA GLU B 71 -12.37 12.35 3.97
C GLU B 71 -12.63 13.84 3.89
N ILE B 72 -12.94 14.47 5.02
CA ILE B 72 -13.12 15.91 5.10
C ILE B 72 -11.88 16.69 4.59
N ASP B 73 -10.70 16.15 4.88
CA ASP B 73 -9.42 16.75 4.50
C ASP B 73 -9.12 16.71 2.99
N THR B 74 -10.01 16.09 2.21
CA THR B 74 -9.88 16.10 0.75
C THR B 74 -10.62 17.30 0.16
N LEU B 75 -11.46 17.92 0.97
CA LEU B 75 -12.25 19.07 0.56
C LEU B 75 -11.38 20.31 0.37
N ILE B 76 -11.66 21.05 -0.70
CA ILE B 76 -11.15 22.40 -0.92
C ILE B 76 -12.40 23.24 -1.08
N LEU B 77 -12.63 24.12 -0.10
CA LEU B 77 -13.80 24.97 -0.09
C LEU B 77 -13.39 26.42 -0.28
N PRO B 78 -13.84 27.03 -1.40
CA PRO B 78 -13.66 28.46 -1.68
C PRO B 78 -14.15 29.35 -0.55
N GLU B 79 -13.50 30.50 -0.41
CA GLU B 79 -13.79 31.41 0.67
C GLU B 79 -15.26 31.91 0.62
N ASN B 80 -15.78 32.05 -0.60
CA ASN B 80 -17.18 32.35 -0.81
C ASN B 80 -18.15 31.24 -0.32
N PHE B 81 -17.70 29.98 -0.31
CA PHE B 81 -18.50 28.84 0.22
C PHE B 81 -18.63 28.87 1.75
N LYS B 82 -19.15 29.98 2.27
CA LYS B 82 -19.18 30.25 3.70
C LYS B 82 -19.96 29.20 4.49
N ASP B 83 -21.00 28.66 3.87
CA ASP B 83 -21.87 27.65 4.51
C ASP B 83 -21.22 26.28 4.60
N SER B 84 -20.57 25.86 3.52
CA SER B 84 -19.73 24.66 3.49
C SER B 84 -18.60 24.71 4.51
N ARG B 85 -17.96 25.88 4.61
CA ARG B 85 -16.77 26.06 5.43
C ARG B 85 -17.12 26.02 6.90
N LEU B 86 -18.31 26.52 7.22
CA LEU B 86 -18.77 26.58 8.59
C LEU B 86 -19.26 25.21 9.06
N LYS B 87 -19.86 24.46 8.14
CA LYS B 87 -20.34 23.12 8.41
C LYS B 87 -19.18 22.10 8.46
N ARG B 88 -18.14 22.32 7.64
CA ARG B 88 -16.90 21.52 7.68
C ARG B 88 -16.17 21.71 9.00
N LYS B 89 -16.11 22.97 9.46
CA LYS B 89 -15.39 23.31 10.67
C LYS B 89 -16.12 22.78 11.89
N GLY B 90 -17.44 22.91 11.90
CA GLY B 90 -18.26 22.38 12.99
C GLY B 90 -18.07 20.88 13.10
N LEU B 91 -18.18 20.20 11.96
CA LEU B 91 -18.03 18.76 11.92
C LEU B 91 -16.67 18.25 12.41
N VAL B 92 -15.59 18.82 11.90
CA VAL B 92 -14.22 18.53 12.38
C VAL B 92 -14.10 18.70 13.91
N LYS B 93 -14.51 19.88 14.42
CA LYS B 93 -14.43 20.16 15.85
C LYS B 93 -15.29 19.21 16.68
N LYS B 94 -16.45 18.82 16.15
CA LYS B 94 -17.32 17.82 16.80
C LYS B 94 -16.68 16.44 16.90
N VAL B 95 -16.26 15.88 15.77
CA VAL B 95 -15.48 14.62 15.72
C VAL B 95 -14.31 14.62 16.72
N GLN B 96 -13.55 15.72 16.74
CA GLN B 96 -12.43 15.90 17.67
C GLN B 96 -12.79 15.82 19.16
N ALA B 97 -13.95 16.39 19.53
CA ALA B 97 -14.52 16.23 20.87
C ALA B 97 -15.04 14.81 21.15
N PHE B 98 -15.57 14.14 20.13
CA PHE B 98 -15.85 12.69 20.29
C PHE B 98 -14.58 11.87 20.49
N LEU B 99 -13.54 12.19 19.72
CA LEU B 99 -12.21 11.56 19.89
C LEU B 99 -11.63 11.76 21.29
N ALA B 100 -11.76 12.97 21.85
CA ALA B 100 -11.38 13.22 23.25
C ALA B 100 -12.20 12.38 24.21
N GLU B 101 -13.49 12.19 23.89
CA GLU B 101 -14.37 11.28 24.64
C GLU B 101 -13.86 9.82 24.59
N CYS B 102 -13.36 9.38 23.44
CA CYS B 102 -12.82 8.01 23.28
C CYS B 102 -11.51 7.79 24.07
N ASP B 103 -10.71 8.85 24.17
CA ASP B 103 -9.44 8.78 24.87
C ASP B 103 -9.69 8.68 26.37
N THR B 104 -10.70 9.38 26.85
CA THR B 104 -11.13 9.24 28.25
C THR B 104 -11.45 7.77 28.58
N VAL B 105 -12.15 7.10 27.68
CA VAL B 105 -12.56 5.70 27.88
C VAL B 105 -11.39 4.73 27.94
N GLU B 106 -10.56 4.70 26.89
CA GLU B 106 -9.53 3.66 26.73
C GLU B 106 -8.36 3.80 27.69
N GLN B 107 -8.11 5.04 28.13
CA GLN B 107 -7.19 5.31 29.23
C GLN B 107 -8.03 5.35 30.50
N ASN B 108 -8.24 4.15 31.04
CA ASN B 108 -9.16 3.89 32.15
C ASN B 108 -9.47 2.37 32.22
N ILE B 109 -9.31 1.69 31.07
CA ILE B 109 -9.60 0.25 30.96
C ILE B 109 -8.52 -0.48 30.15
N CYS B 110 -8.57 -1.81 30.20
CA CYS B 110 -7.62 -2.71 29.51
C CYS B 110 -6.22 -2.13 29.32
N GLN B 111 -5.60 -1.78 30.45
CA GLN B 111 -4.19 -1.37 30.51
C GLN B 111 -3.33 -2.53 31.02
C28 3GO C . -2.37 5.07 -5.11
C35 3GO C . -3.48 5.46 -4.36
C40 3GO C . -3.36 5.70 -2.99
C39 3GO C . -4.48 6.09 -2.28
C38 3GO C . -5.70 6.23 -2.93
N37 3GO C . -5.80 5.99 -4.25
C36 3GO C . -4.72 5.61 -4.98
C27 3GO C . -4.85 5.37 -6.34
C26 3GO C . -3.73 4.98 -7.09
C25 3GO C . -2.50 4.83 -6.47
C24 3GO C . -1.27 4.40 -7.30
N23 3GO C . -0.02 4.82 -6.61
C6 3GO C . 0.60 5.95 -6.95
N7 3GO C . 0.17 6.82 -7.88
C8 3GO C . 1.05 7.82 -7.94
C4 3GO C . 1.10 8.97 -8.69
N10 3GO C . 0.12 9.25 -9.57
N1 3GO C . 2.17 9.82 -8.54
C2 3GO C . 3.16 9.52 -7.63
N3 3GO C . 3.09 8.39 -6.91
C9 3GO C . 2.05 7.54 -7.04
N5 3GO C . 1.76 6.41 -6.44
C11 3GO C . 2.58 5.75 -5.41
O12 3GO C . 2.86 4.42 -5.81
C31 3GO C . 1.78 5.59 -4.14
O34 3GO C . 1.80 6.81 -3.37
C32 3GO C . 2.52 4.50 -3.41
O33 3GO C . 3.56 5.08 -2.61
C13 3GO C . 3.16 3.66 -4.54
C14 3GO C . 2.46 2.33 -4.61
O15 3GO C . 1.14 2.55 -5.11
C16 3GO C . 0.41 1.41 -4.99
C17 3GO C . -1.08 1.49 -4.71
C18 3GO C . -1.99 0.97 -5.63
C19 3GO C . -3.35 1.05 -5.38
C20 3GO C . -3.81 1.62 -4.19
C29 3GO C . -5.21 1.68 -3.92
N30 3GO C . -6.33 1.73 -3.69
C21 3GO C . -2.89 2.12 -3.27
C22 3GO C . -1.53 2.05 -3.53
#